data_4JIS
#
_entry.id   4JIS
#
_cell.length_a   103.747
_cell.length_b   60.977
_cell.length_c   91.808
_cell.angle_alpha   90.00
_cell.angle_beta   113.44
_cell.angle_gamma   90.00
#
_symmetry.space_group_name_H-M   'C 1 2 1'
#
loop_
_entity.id
_entity.type
_entity.pdbx_description
1 polymer 'ribitol-5-phosphate cytidylyltransferase'
2 water water
#
_entity_poly.entity_id   1
_entity_poly.type   'polypeptide(L)'
_entity_poly.pdbx_seq_one_letter_code
;MGMIYAEILAGGKGSRMGNVNMPKQFLPLNKRPIIIHTVEKFLLNDRFDKILIVSPKEWINHTKDILKKFIGQDDRLVVV
EGGSDRNESIMSGIRYIEKEFGIQDNDVIITHDSVRPFLTHRIIDENIDAVLQYGAVDTVISAIDTIIASEDQEFISDIP
VRDNMYQGQTPQSFRISKLVELYNKLSDEQKAVLTDACKICSLAGEKVKLVRGEVFNIKVTTPYDLKVANAILQERISQL
EHHHHHH
;
_entity_poly.pdbx_strand_id   A,B
#
# COMPACT_ATOMS: atom_id res chain seq x y z
N GLY A 2 -31.72 17.77 -0.02
CA GLY A 2 -31.74 16.36 -0.41
C GLY A 2 -31.46 15.42 0.75
N MET A 3 -31.56 14.12 0.48
CA MET A 3 -31.32 13.10 1.49
C MET A 3 -29.86 12.65 1.38
N ILE A 4 -29.36 12.06 2.45
CA ILE A 4 -27.97 11.58 2.48
C ILE A 4 -28.01 10.14 2.95
N TYR A 5 -27.58 9.21 2.09
CA TYR A 5 -27.66 7.80 2.39
C TYR A 5 -26.29 7.21 2.58
N ALA A 6 -26.19 6.19 3.45
CA ALA A 6 -24.96 5.40 3.57
C ALA A 6 -25.20 4.03 2.98
N GLU A 7 -24.20 3.49 2.29
CA GLU A 7 -24.34 2.18 1.66
C GLU A 7 -23.10 1.35 1.98
N ILE A 8 -23.26 0.47 2.97
CA ILE A 8 -22.14 -0.36 3.43
C ILE A 8 -22.15 -1.65 2.61
N LEU A 9 -21.12 -1.84 1.79
CA LEU A 9 -21.09 -2.94 0.84
C LEU A 9 -20.42 -4.16 1.48
N ALA A 10 -21.17 -5.25 1.64
CA ALA A 10 -20.61 -6.46 2.26
C ALA A 10 -20.68 -7.65 1.32
N MET A 22 -15.97 -18.36 6.20
CA MET A 22 -16.93 -17.29 6.40
C MET A 22 -16.54 -16.05 5.60
N PRO A 23 -17.53 -15.27 5.14
CA PRO A 23 -17.24 -14.01 4.45
C PRO A 23 -16.50 -13.08 5.39
N LYS A 24 -15.58 -12.28 4.88
CA LYS A 24 -14.65 -11.56 5.74
C LYS A 24 -15.30 -10.53 6.65
N GLN A 25 -16.45 -9.99 6.24
CA GLN A 25 -17.17 -9.03 7.06
C GLN A 25 -17.61 -9.58 8.42
N PHE A 26 -17.63 -10.91 8.56
CA PHE A 26 -18.19 -11.52 9.76
C PHE A 26 -17.14 -12.02 10.75
N LEU A 27 -15.87 -11.95 10.35
CA LEU A 27 -14.80 -12.41 11.23
C LEU A 27 -14.61 -11.47 12.42
N PRO A 28 -14.23 -12.04 13.56
CA PRO A 28 -14.16 -11.27 14.81
C PRO A 28 -13.02 -10.26 14.85
N LEU A 29 -13.33 -9.08 15.39
CA LEU A 29 -12.33 -8.07 15.73
C LEU A 29 -12.64 -7.64 17.16
N ASN A 30 -11.77 -7.99 18.09
CA ASN A 30 -12.04 -7.79 19.53
C ASN A 30 -13.40 -8.35 19.95
N LYS A 31 -13.69 -9.59 19.53
CA LYS A 31 -14.89 -10.37 19.91
C LYS A 31 -16.19 -9.95 19.21
N ARG A 32 -16.12 -9.04 18.24
CA ARG A 32 -17.30 -8.63 17.49
C ARG A 32 -16.99 -8.56 16.01
N PRO A 33 -17.95 -8.95 15.16
CA PRO A 33 -17.71 -9.02 13.72
C PRO A 33 -17.28 -7.67 13.17
N ILE A 34 -16.36 -7.71 12.20
CA ILE A 34 -15.81 -6.49 11.61
C ILE A 34 -16.93 -5.54 11.17
N ILE A 35 -17.95 -6.10 10.51
CA ILE A 35 -19.05 -5.28 9.98
C ILE A 35 -19.74 -4.44 11.07
N ILE A 36 -19.80 -4.98 12.29
CA ILE A 36 -20.37 -4.24 13.41
C ILE A 36 -19.57 -2.98 13.74
N HIS A 37 -18.24 -3.10 13.76
CA HIS A 37 -17.39 -1.92 13.98
C HIS A 37 -17.64 -0.87 12.90
N THR A 38 -17.77 -1.31 11.65
CA THR A 38 -17.97 -0.40 10.51
C THR A 38 -19.31 0.31 10.60
N VAL A 39 -20.36 -0.46 10.82
CA VAL A 39 -21.69 0.12 10.96
C VAL A 39 -21.78 1.10 12.13
N GLU A 40 -21.07 0.82 13.21
CA GLU A 40 -21.09 1.73 14.35
C GLU A 40 -20.61 3.13 13.97
N LYS A 41 -19.64 3.21 13.07
CA LYS A 41 -19.07 4.49 12.68
C LYS A 41 -20.11 5.32 11.95
N PHE A 42 -20.95 4.68 11.16
CA PHE A 42 -21.96 5.41 10.41
C PHE A 42 -23.09 5.83 11.32
N LEU A 43 -23.41 5.01 12.32
CA LEU A 43 -24.52 5.32 13.22
C LEU A 43 -24.22 6.54 14.10
N LEU A 44 -22.93 6.81 14.33
CA LEU A 44 -22.50 7.97 15.11
C LEU A 44 -22.75 9.27 14.36
N ASN A 45 -22.92 9.18 13.05
CA ASN A 45 -23.16 10.39 12.27
C ASN A 45 -24.65 10.63 12.07
N ASP A 46 -25.16 11.72 12.66
CA ASP A 46 -26.59 12.01 12.63
C ASP A 46 -27.11 12.43 11.24
N ARG A 47 -26.19 12.64 10.31
CA ARG A 47 -26.58 13.17 9.00
C ARG A 47 -27.21 12.15 8.07
N PHE A 48 -27.02 10.86 8.33
CA PHE A 48 -27.57 9.86 7.43
C PHE A 48 -29.05 9.65 7.65
N ASP A 49 -29.82 9.76 6.58
CA ASP A 49 -31.25 9.50 6.66
C ASP A 49 -31.55 8.00 6.67
N LYS A 50 -30.70 7.23 6.02
CA LYS A 50 -30.83 5.76 6.07
C LYS A 50 -29.46 5.16 5.88
N ILE A 51 -29.20 4.03 6.54
CA ILE A 51 -27.91 3.36 6.40
C ILE A 51 -28.19 1.95 5.90
N LEU A 52 -27.78 1.68 4.68
CA LEU A 52 -28.03 0.39 4.04
C LEU A 52 -26.83 -0.51 4.23
N ILE A 53 -27.08 -1.80 4.48
CA ILE A 53 -26.03 -2.80 4.37
C ILE A 53 -26.41 -3.71 3.21
N VAL A 54 -25.58 -3.75 2.17
CA VAL A 54 -25.93 -4.48 0.96
C VAL A 54 -25.19 -5.80 0.94
N SER A 55 -25.94 -6.89 0.94
CA SER A 55 -25.35 -8.23 1.15
C SER A 55 -25.85 -9.22 0.12
N PRO A 56 -25.04 -10.27 -0.17
CA PRO A 56 -25.55 -11.34 -1.04
C PRO A 56 -26.78 -11.99 -0.36
N LYS A 57 -27.69 -12.56 -1.15
CA LYS A 57 -28.92 -13.12 -0.60
C LYS A 57 -28.65 -14.14 0.51
N GLU A 58 -27.65 -14.99 0.28
CA GLU A 58 -27.34 -16.10 1.18
C GLU A 58 -26.93 -15.65 2.57
N TRP A 59 -26.57 -14.36 2.71
CA TRP A 59 -26.04 -13.86 3.99
C TRP A 59 -26.91 -12.80 4.66
N ILE A 60 -28.06 -12.49 4.06
CA ILE A 60 -28.91 -11.42 4.56
C ILE A 60 -29.43 -11.70 5.96
N ASN A 61 -29.93 -12.91 6.20
CA ASN A 61 -30.50 -13.20 7.51
C ASN A 61 -29.46 -13.25 8.63
N HIS A 62 -28.26 -13.73 8.30
CA HIS A 62 -27.19 -13.72 9.29
C HIS A 62 -26.78 -12.28 9.61
N THR A 63 -26.79 -11.41 8.61
CA THR A 63 -26.41 -10.01 8.81
C THR A 63 -27.43 -9.35 9.74
N LYS A 64 -28.72 -9.55 9.45
CA LYS A 64 -29.78 -9.02 10.30
C LYS A 64 -29.63 -9.50 11.74
N ASP A 65 -29.33 -10.78 11.91
CA ASP A 65 -29.10 -11.33 13.25
C ASP A 65 -27.97 -10.63 13.99
N ILE A 66 -26.84 -10.49 13.31
CA ILE A 66 -25.66 -9.88 13.92
C ILE A 66 -25.95 -8.43 14.31
N LEU A 67 -26.71 -7.72 13.48
CA LEU A 67 -27.07 -6.34 13.82
C LEU A 67 -27.93 -6.26 15.09
N LYS A 68 -28.97 -7.08 15.17
CA LYS A 68 -29.78 -7.06 16.40
C LYS A 68 -28.99 -7.48 17.64
N LYS A 69 -28.10 -8.47 17.49
CA LYS A 69 -27.25 -8.87 18.62
C LYS A 69 -26.36 -7.74 19.13
N PHE A 70 -25.63 -7.08 18.23
CA PHE A 70 -24.58 -6.13 18.65
C PHE A 70 -24.98 -4.66 18.67
N ILE A 71 -25.96 -4.30 17.85
CA ILE A 71 -26.39 -2.90 17.76
C ILE A 71 -27.75 -2.73 18.42
N GLY A 72 -28.65 -3.63 18.07
CA GLY A 72 -30.02 -3.59 18.57
C GLY A 72 -30.91 -2.93 17.53
N GLN A 73 -32.03 -2.38 17.98
CA GLN A 73 -32.98 -1.74 17.09
C GLN A 73 -32.56 -0.32 16.77
N ASP A 74 -32.44 -0.02 15.48
CA ASP A 74 -32.20 1.35 15.04
C ASP A 74 -32.89 1.53 13.69
N ASP A 75 -33.83 2.48 13.64
CA ASP A 75 -34.70 2.64 12.47
C ASP A 75 -33.93 2.97 11.18
N ARG A 76 -32.74 3.52 11.32
CA ARG A 76 -31.97 3.91 10.14
C ARG A 76 -31.35 2.74 9.40
N LEU A 77 -31.20 1.59 10.08
CA LEU A 77 -30.51 0.44 9.48
C LEU A 77 -31.44 -0.42 8.64
N VAL A 78 -31.01 -0.77 7.43
CA VAL A 78 -31.70 -1.78 6.67
C VAL A 78 -30.73 -2.66 5.90
N VAL A 79 -30.99 -3.97 5.88
CA VAL A 79 -30.16 -4.88 5.10
C VAL A 79 -30.84 -5.18 3.79
N VAL A 80 -30.11 -5.00 2.69
CA VAL A 80 -30.66 -5.11 1.34
C VAL A 80 -29.88 -6.10 0.48
N GLU A 81 -30.56 -6.80 -0.42
CA GLU A 81 -29.90 -7.73 -1.35
C GLU A 81 -29.02 -7.05 -2.40
N GLY A 82 -27.79 -7.54 -2.53
CA GLY A 82 -26.86 -7.05 -3.53
C GLY A 82 -27.06 -7.63 -4.93
N GLY A 83 -26.04 -7.50 -5.78
CA GLY A 83 -26.11 -7.97 -7.16
C GLY A 83 -24.93 -8.85 -7.58
N SER A 84 -24.71 -8.96 -8.89
CA SER A 84 -23.70 -9.86 -9.47
C SER A 84 -22.27 -9.45 -9.15
N ASP A 85 -22.05 -8.15 -9.07
CA ASP A 85 -20.74 -7.59 -8.75
C ASP A 85 -20.87 -6.38 -7.83
N ARG A 86 -19.77 -5.69 -7.58
CA ARG A 86 -19.76 -4.60 -6.63
C ARG A 86 -20.62 -3.42 -7.09
N ASN A 87 -20.48 -3.03 -8.35
CA ASN A 87 -21.27 -1.92 -8.88
C ASN A 87 -22.76 -2.26 -8.99
N GLU A 88 -23.06 -3.53 -9.27
CA GLU A 88 -24.45 -3.97 -9.27
C GLU A 88 -25.05 -3.87 -7.87
N SER A 89 -24.25 -4.20 -6.87
CA SER A 89 -24.70 -4.10 -5.49
C SER A 89 -24.95 -2.64 -5.07
N ILE A 90 -24.08 -1.74 -5.49
CA ILE A 90 -24.33 -0.30 -5.31
C ILE A 90 -25.67 0.06 -5.96
N MET A 91 -25.88 -0.41 -7.18
CA MET A 91 -27.15 -0.14 -7.87
C MET A 91 -28.35 -0.78 -7.19
N SER A 92 -28.14 -1.95 -6.58
CA SER A 92 -29.24 -2.62 -5.90
C SER A 92 -29.69 -1.86 -4.68
N GLY A 93 -28.74 -1.24 -3.98
CA GLY A 93 -29.09 -0.40 -2.86
C GLY A 93 -29.88 0.80 -3.34
N ILE A 94 -29.44 1.38 -4.47
CA ILE A 94 -30.11 2.55 -5.02
C ILE A 94 -31.55 2.18 -5.42
N ARG A 95 -31.73 0.97 -5.93
CA ARG A 95 -33.07 0.47 -6.28
C ARG A 95 -33.99 0.42 -5.07
N TYR A 96 -33.46 -0.04 -3.93
CA TYR A 96 -34.25 -0.06 -2.70
C TYR A 96 -34.65 1.34 -2.31
N ILE A 97 -33.71 2.28 -2.42
CA ILE A 97 -33.99 3.67 -2.05
C ILE A 97 -35.10 4.23 -2.93
N GLU A 98 -35.02 3.93 -4.22
CA GLU A 98 -36.02 4.39 -5.19
C GLU A 98 -37.40 3.89 -4.79
N LYS A 99 -37.47 2.62 -4.42
CA LYS A 99 -38.74 1.98 -4.14
C LYS A 99 -39.32 2.43 -2.80
N GLU A 100 -38.46 2.61 -1.80
CA GLU A 100 -38.95 2.98 -0.48
C GLU A 100 -39.15 4.46 -0.28
N PHE A 101 -38.25 5.26 -0.84
CA PHE A 101 -38.25 6.70 -0.57
C PHE A 101 -38.39 7.56 -1.82
N GLY A 102 -38.06 6.98 -2.98
CA GLY A 102 -37.96 7.75 -4.20
C GLY A 102 -36.57 8.35 -4.31
N ILE A 103 -36.09 8.63 -5.51
CA ILE A 103 -34.81 9.30 -5.64
C ILE A 103 -35.02 10.70 -6.18
N GLN A 104 -34.48 11.69 -5.47
CA GLN A 104 -34.49 13.09 -5.91
C GLN A 104 -33.12 13.48 -6.40
N ASP A 105 -33.05 14.49 -7.27
CA ASP A 105 -31.81 14.77 -7.99
C ASP A 105 -30.64 15.19 -7.10
N ASN A 106 -30.93 15.70 -5.92
CA ASN A 106 -29.87 16.12 -5.02
C ASN A 106 -29.45 15.07 -4.00
N ASP A 107 -30.11 13.92 -4.00
CA ASP A 107 -29.77 12.87 -3.05
C ASP A 107 -28.35 12.35 -3.28
N VAL A 108 -27.66 12.03 -2.19
CA VAL A 108 -26.28 11.53 -2.29
C VAL A 108 -26.15 10.22 -1.55
N ILE A 109 -25.17 9.42 -1.96
CA ILE A 109 -24.97 8.12 -1.34
C ILE A 109 -23.50 7.99 -1.03
N ILE A 110 -23.19 7.58 0.20
CA ILE A 110 -21.81 7.43 0.67
C ILE A 110 -21.59 5.92 0.74
N THR A 111 -20.87 5.38 -0.24
CA THR A 111 -20.65 3.92 -0.29
C THR A 111 -19.33 3.56 0.37
N HIS A 112 -19.25 2.38 1.00
CA HIS A 112 -18.10 2.06 1.82
C HIS A 112 -17.97 0.56 2.08
N ASP A 113 -16.74 0.05 2.03
CA ASP A 113 -16.46 -1.37 2.29
C ASP A 113 -16.81 -1.77 3.71
N SER A 114 -17.55 -2.87 3.87
CA SER A 114 -17.90 -3.34 5.20
C SER A 114 -16.65 -3.72 5.98
N VAL A 115 -15.60 -4.10 5.26
CA VAL A 115 -14.37 -4.57 5.92
C VAL A 115 -13.34 -3.47 6.16
N ARG A 116 -13.78 -2.21 6.08
CA ARG A 116 -12.93 -1.08 6.45
C ARG A 116 -13.52 -0.37 7.65
N PRO A 117 -13.28 -0.93 8.85
CA PRO A 117 -13.93 -0.47 10.08
C PRO A 117 -13.30 0.78 10.66
N PHE A 118 -12.15 1.16 10.13
CA PHE A 118 -11.36 2.20 10.79
C PHE A 118 -11.49 3.59 10.20
N LEU A 119 -12.38 3.80 9.24
CA LEU A 119 -12.61 5.16 8.73
C LEU A 119 -13.03 6.06 9.87
N THR A 120 -12.84 7.36 9.71
CA THR A 120 -12.97 8.27 10.85
C THR A 120 -14.12 9.23 10.62
N HIS A 121 -14.46 9.97 11.67
CA HIS A 121 -15.48 11.01 11.56
C HIS A 121 -15.09 11.99 10.46
N ARG A 122 -13.81 12.38 10.42
CA ARG A 122 -13.35 13.33 9.39
C ARG A 122 -13.57 12.79 7.99
N ILE A 123 -13.22 11.53 7.78
CA ILE A 123 -13.41 10.96 6.45
C ILE A 123 -14.90 10.97 6.04
N ILE A 124 -15.78 10.60 6.96
CA ILE A 124 -17.19 10.54 6.62
C ILE A 124 -17.69 11.95 6.33
N ASP A 125 -17.38 12.87 7.24
CA ASP A 125 -17.81 14.27 7.15
C ASP A 125 -17.32 14.93 5.86
N GLU A 126 -16.03 14.75 5.54
CA GLU A 126 -15.48 15.32 4.32
C GLU A 126 -16.12 14.70 3.10
N ASN A 127 -16.42 13.41 3.15
CA ASN A 127 -17.08 12.79 2.01
C ASN A 127 -18.46 13.40 1.73
N ILE A 128 -19.27 13.55 2.76
CA ILE A 128 -20.61 14.12 2.56
C ILE A 128 -20.47 15.55 2.04
N ASP A 129 -19.64 16.37 2.69
CA ASP A 129 -19.52 17.75 2.22
C ASP A 129 -19.00 17.84 0.78
N ALA A 130 -17.99 17.03 0.45
CA ALA A 130 -17.49 17.00 -0.93
C ALA A 130 -18.54 16.53 -1.93
N VAL A 131 -19.31 15.52 -1.60
CA VAL A 131 -20.26 15.01 -2.59
C VAL A 131 -21.43 15.97 -2.80
N LEU A 132 -21.83 16.68 -1.75
CA LEU A 132 -22.87 17.69 -1.86
C LEU A 132 -22.44 18.79 -2.82
N GLN A 133 -21.13 19.10 -2.84
CA GLN A 133 -20.61 20.12 -3.76
C GLN A 133 -20.28 19.58 -5.15
N TYR A 134 -19.61 18.42 -5.21
CA TYR A 134 -19.01 17.96 -6.47
C TYR A 134 -19.68 16.76 -7.15
N GLY A 135 -20.51 16.02 -6.43
CA GLY A 135 -21.25 14.92 -7.04
C GLY A 135 -20.54 13.58 -7.13
N ALA A 136 -19.23 13.58 -6.93
CA ALA A 136 -18.44 12.36 -7.02
C ALA A 136 -17.15 12.54 -6.21
N VAL A 137 -16.87 11.57 -5.34
CA VAL A 137 -15.76 11.68 -4.40
C VAL A 137 -15.06 10.34 -4.22
N ASP A 138 -13.73 10.35 -4.16
CA ASP A 138 -12.95 9.14 -3.88
C ASP A 138 -12.12 9.41 -2.63
N THR A 139 -11.98 8.42 -1.75
CA THR A 139 -11.15 8.59 -0.57
C THR A 139 -9.84 7.92 -0.87
N VAL A 140 -8.74 8.69 -0.82
CA VAL A 140 -7.43 8.16 -1.25
C VAL A 140 -6.29 8.54 -0.30
N ILE A 141 -5.18 7.80 -0.32
CA ILE A 141 -3.98 8.21 0.42
C ILE A 141 -2.79 8.26 -0.54
N SER A 142 -1.79 9.07 -0.21
CA SER A 142 -0.62 9.15 -1.05
C SER A 142 0.05 7.78 -1.10
N ALA A 143 0.39 7.34 -2.31
CA ALA A 143 1.11 6.08 -2.49
C ALA A 143 2.46 6.15 -1.77
N ILE A 144 2.69 5.22 -0.86
CA ILE A 144 3.96 5.17 -0.12
C ILE A 144 5.04 4.48 -0.95
N ASP A 145 4.63 3.50 -1.74
CA ASP A 145 5.59 2.70 -2.49
C ASP A 145 5.78 3.17 -3.92
N THR A 146 7.01 3.01 -4.40
CA THR A 146 7.30 3.15 -5.81
C THR A 146 6.39 2.17 -6.55
N ILE A 147 5.75 2.59 -7.63
CA ILE A 147 4.94 1.66 -8.41
C ILE A 147 5.77 1.20 -9.60
N ILE A 148 5.70 -0.10 -9.90
CA ILE A 148 6.53 -0.72 -10.92
C ILE A 148 5.60 -1.48 -11.87
N ALA A 149 5.91 -1.49 -13.16
CA ALA A 149 5.11 -2.26 -14.11
C ALA A 149 5.89 -3.42 -14.70
N SER A 150 5.22 -4.55 -14.88
CA SER A 150 5.83 -5.71 -15.51
C SER A 150 4.80 -6.42 -16.38
N GLU A 151 5.14 -6.62 -17.65
CA GLU A 151 4.21 -7.29 -18.56
C GLU A 151 4.26 -8.81 -18.44
N ASP A 152 5.40 -9.33 -17.99
CA ASP A 152 5.62 -10.78 -17.97
C ASP A 152 5.66 -11.39 -16.58
N GLN A 153 5.49 -10.55 -15.55
CA GLN A 153 5.56 -10.97 -14.16
C GLN A 153 6.94 -11.53 -13.79
N GLU A 154 7.94 -11.24 -14.62
CA GLU A 154 9.29 -11.74 -14.34
C GLU A 154 10.35 -10.65 -14.37
N PHE A 155 10.16 -9.65 -15.22
CA PHE A 155 11.11 -8.54 -15.34
C PHE A 155 10.39 -7.21 -15.33
N ILE A 156 11.09 -6.15 -14.94
CA ILE A 156 10.53 -4.80 -15.03
C ILE A 156 10.35 -4.44 -16.50
N SER A 157 9.19 -3.90 -16.85
CA SER A 157 8.95 -3.48 -18.23
C SER A 157 9.29 -2.01 -18.38
N ASP A 158 8.91 -1.27 -17.36
CA ASP A 158 9.06 0.19 -17.31
C ASP A 158 8.59 0.60 -15.92
N ILE A 159 9.20 1.64 -15.37
CA ILE A 159 8.78 2.18 -14.09
C ILE A 159 8.14 3.57 -14.31
N PRO A 160 6.81 3.67 -14.09
CA PRO A 160 5.99 4.84 -14.46
C PRO A 160 6.41 6.09 -13.71
N VAL A 161 5.64 7.17 -13.87
CA VAL A 161 5.97 8.40 -13.19
C VAL A 161 4.98 8.70 -12.07
N ARG A 162 5.51 8.86 -10.86
CA ARG A 162 4.71 9.11 -9.67
C ARG A 162 4.08 10.50 -9.60
N ASP A 163 3.89 11.15 -10.76
CA ASP A 163 3.28 12.50 -10.81
C ASP A 163 1.97 12.51 -10.03
N ASN A 164 2.11 12.60 -8.71
CA ASN A 164 1.02 12.38 -7.77
C ASN A 164 0.29 11.05 -8.03
N MET A 165 0.67 10.03 -7.26
CA MET A 165 -0.01 8.74 -7.36
C MET A 165 -0.54 8.30 -6.00
N TYR A 166 -1.75 7.77 -6.01
CA TYR A 166 -2.52 7.55 -4.80
C TYR A 166 -3.06 6.13 -4.74
N GLN A 167 -3.27 5.65 -3.53
CA GLN A 167 -3.95 4.38 -3.35
C GLN A 167 -5.41 4.68 -3.01
N GLY A 168 -6.31 4.09 -3.79
CA GLY A 168 -7.74 4.23 -3.52
C GLY A 168 -8.15 3.52 -2.25
N GLN A 169 -9.02 4.16 -1.48
CA GLN A 169 -9.68 3.50 -0.37
C GLN A 169 -11.16 3.68 -0.56
N THR A 170 -11.85 3.68 0.54
CA THR A 170 -13.24 3.92 0.46
C THR A 170 -13.68 4.60 1.76
N PRO A 171 -14.46 5.68 1.63
CA PRO A 171 -15.82 5.67 1.12
C PRO A 171 -15.65 6.21 -0.30
N GLN A 172 -16.60 5.92 -1.17
CA GLN A 172 -16.70 6.60 -2.44
C GLN A 172 -18.11 7.12 -2.51
N SER A 173 -18.27 8.40 -2.79
CA SER A 173 -19.57 9.03 -2.59
C SER A 173 -20.04 9.68 -3.89
N PHE A 174 -21.35 9.61 -4.13
CA PHE A 174 -21.93 10.07 -5.40
C PHE A 174 -23.30 10.70 -5.25
N ARG A 175 -23.59 11.67 -6.12
CA ARG A 175 -24.95 12.14 -6.34
C ARG A 175 -25.66 10.99 -7.04
N ILE A 176 -26.71 10.46 -6.41
CA ILE A 176 -27.35 9.22 -6.87
C ILE A 176 -27.81 9.30 -8.32
N SER A 177 -28.55 10.35 -8.65
CA SER A 177 -29.09 10.50 -10.00
C SER A 177 -27.99 10.50 -11.05
N LYS A 178 -26.86 11.14 -10.73
CA LYS A 178 -25.73 11.19 -11.66
C LYS A 178 -25.09 9.82 -11.88
N LEU A 179 -24.97 9.03 -10.80
CA LEU A 179 -24.37 7.71 -10.93
C LEU A 179 -25.27 6.79 -11.75
N VAL A 180 -26.58 6.95 -11.57
CA VAL A 180 -27.56 6.14 -12.28
C VAL A 180 -27.43 6.39 -13.78
N GLU A 181 -27.47 7.66 -14.16
CA GLU A 181 -27.38 8.07 -15.55
C GLU A 181 -26.12 7.52 -16.22
N LEU A 182 -24.99 7.62 -15.54
CA LEU A 182 -23.71 7.17 -16.07
C LEU A 182 -23.61 5.65 -16.13
N TYR A 183 -24.16 4.98 -15.12
CA TYR A 183 -24.10 3.53 -15.09
C TYR A 183 -24.96 2.87 -16.17
N ASN A 184 -26.12 3.48 -16.42
CA ASN A 184 -27.03 2.98 -17.46
C ASN A 184 -26.42 3.09 -18.86
N LYS A 185 -25.52 4.06 -19.03
CA LYS A 185 -24.85 4.27 -20.31
C LYS A 185 -23.78 3.23 -20.58
N LEU A 186 -23.27 2.62 -19.51
CA LEU A 186 -22.31 1.54 -19.67
C LEU A 186 -22.98 0.45 -20.50
N SER A 187 -22.37 0.13 -21.65
CA SER A 187 -22.79 -1.02 -22.42
C SER A 187 -22.59 -2.25 -21.53
N ASP A 188 -23.29 -3.34 -21.83
CA ASP A 188 -23.19 -4.53 -21.01
C ASP A 188 -21.75 -5.03 -20.92
N GLU A 189 -20.93 -4.61 -21.88
CA GLU A 189 -19.50 -4.91 -21.89
C GLU A 189 -18.83 -4.37 -20.64
N GLN A 190 -18.58 -3.06 -20.65
CA GLN A 190 -18.08 -2.34 -19.50
C GLN A 190 -19.06 -2.49 -18.35
N LYS A 191 -18.62 -3.10 -17.26
CA LYS A 191 -19.39 -3.53 -16.06
C LYS A 191 -19.50 -5.06 -15.97
N ALA A 192 -18.90 -5.73 -16.95
CA ALA A 192 -18.51 -7.12 -16.79
C ALA A 192 -17.20 -7.08 -16.00
N VAL A 193 -16.56 -5.90 -16.01
CA VAL A 193 -15.43 -5.59 -15.14
C VAL A 193 -15.72 -4.21 -14.51
N LEU A 194 -14.83 -3.22 -14.67
CA LEU A 194 -15.04 -1.85 -14.16
C LEU A 194 -15.51 -1.85 -12.71
N THR A 195 -14.81 -2.59 -11.85
CA THR A 195 -15.19 -2.75 -10.45
C THR A 195 -15.29 -1.46 -9.63
N ASP A 196 -14.85 -0.34 -10.22
CA ASP A 196 -14.72 0.92 -9.46
C ASP A 196 -15.67 2.02 -9.96
N ALA A 197 -16.60 2.43 -9.10
CA ALA A 197 -17.59 3.44 -9.49
C ALA A 197 -16.97 4.81 -9.77
N CYS A 198 -15.90 5.15 -9.06
CA CYS A 198 -15.23 6.42 -9.34
C CYS A 198 -14.66 6.37 -10.75
N LYS A 199 -14.17 5.19 -11.15
CA LYS A 199 -13.71 4.99 -12.52
C LYS A 199 -14.84 5.26 -13.52
N ILE A 200 -16.03 4.76 -13.24
CA ILE A 200 -17.21 5.05 -14.07
C ILE A 200 -17.36 6.54 -14.30
N CYS A 201 -17.31 7.32 -13.21
CA CYS A 201 -17.42 8.77 -13.32
C CYS A 201 -16.26 9.41 -14.09
N SER A 202 -15.03 9.02 -13.76
CA SER A 202 -13.86 9.66 -14.36
C SER A 202 -13.74 9.28 -15.84
N LEU A 203 -14.08 8.03 -16.16
CA LEU A 203 -14.08 7.56 -17.55
C LEU A 203 -15.06 8.37 -18.39
N ALA A 204 -16.04 8.97 -17.74
CA ALA A 204 -17.09 9.73 -18.43
C ALA A 204 -16.85 11.22 -18.44
N GLY A 205 -15.72 11.65 -17.90
CA GLY A 205 -15.36 13.06 -17.94
C GLY A 205 -15.84 13.87 -16.74
N GLU A 206 -16.38 13.18 -15.73
CA GLU A 206 -16.81 13.84 -14.50
C GLU A 206 -15.58 14.19 -13.67
N LYS A 207 -15.65 15.27 -12.90
CA LYS A 207 -14.57 15.59 -11.99
C LYS A 207 -14.80 14.94 -10.63
N VAL A 208 -13.95 13.97 -10.28
CA VAL A 208 -14.09 13.24 -9.03
C VAL A 208 -13.18 13.84 -7.96
N LYS A 209 -13.80 14.41 -6.92
CA LYS A 209 -13.06 15.12 -5.88
C LYS A 209 -12.35 14.15 -4.96
N LEU A 210 -11.09 14.45 -4.61
CA LEU A 210 -10.35 13.61 -3.67
C LEU A 210 -10.56 14.07 -2.23
N VAL A 211 -10.81 13.11 -1.35
CA VAL A 211 -10.80 13.34 0.09
C VAL A 211 -9.69 12.48 0.67
N ARG A 212 -8.88 13.04 1.57
CA ARG A 212 -7.76 12.30 2.14
C ARG A 212 -8.28 11.22 3.08
N GLY A 213 -7.82 9.99 2.87
CA GLY A 213 -8.13 8.91 3.77
C GLY A 213 -7.15 8.83 4.92
N GLU A 214 -6.90 7.62 5.41
CA GLU A 214 -5.92 7.40 6.47
C GLU A 214 -5.13 6.12 6.21
N VAL A 215 -3.87 6.10 6.64
CA VAL A 215 -3.05 4.91 6.48
C VAL A 215 -3.70 3.71 7.19
N PHE A 216 -4.39 3.96 8.30
CA PHE A 216 -5.00 2.87 9.06
C PHE A 216 -6.40 2.48 8.56
N ASN A 217 -6.84 3.10 7.47
CA ASN A 217 -8.17 2.80 6.90
C ASN A 217 -8.09 1.58 5.99
N ILE A 218 -7.61 0.48 6.56
CA ILE A 218 -7.32 -0.70 5.77
C ILE A 218 -8.53 -1.58 5.48
N LYS A 219 -8.45 -2.31 4.36
CA LYS A 219 -9.44 -3.31 3.98
C LYS A 219 -9.01 -4.63 4.62
N VAL A 220 -9.86 -5.23 5.44
CA VAL A 220 -9.49 -6.45 6.16
C VAL A 220 -9.93 -7.73 5.42
N THR A 221 -9.07 -8.21 4.52
CA THR A 221 -9.38 -9.35 3.64
C THR A 221 -8.79 -10.67 4.13
N THR A 222 -7.51 -10.65 4.49
CA THR A 222 -6.74 -11.86 4.77
C THR A 222 -6.52 -12.06 6.27
N PRO A 223 -6.14 -13.29 6.67
CA PRO A 223 -5.78 -13.51 8.08
C PRO A 223 -4.68 -12.56 8.59
N TYR A 224 -3.73 -12.16 7.73
CA TYR A 224 -2.71 -11.20 8.17
C TYR A 224 -3.32 -9.81 8.36
N ASP A 225 -4.24 -9.43 7.48
CA ASP A 225 -4.92 -8.14 7.60
C ASP A 225 -5.61 -8.04 8.96
N LEU A 226 -6.21 -9.16 9.38
CA LEU A 226 -6.92 -9.23 10.66
C LEU A 226 -5.96 -9.02 11.82
N LYS A 227 -4.72 -9.46 11.64
CA LYS A 227 -3.68 -9.28 12.64
C LYS A 227 -3.38 -7.79 12.77
N VAL A 228 -3.20 -7.15 11.62
CA VAL A 228 -3.01 -5.70 11.56
C VAL A 228 -4.23 -5.01 12.18
N ALA A 229 -5.42 -5.52 11.86
CA ALA A 229 -6.66 -4.92 12.36
C ALA A 229 -6.72 -4.86 13.89
N ASN A 230 -6.44 -5.98 14.55
CA ASN A 230 -6.48 -5.99 16.01
C ASN A 230 -5.48 -5.04 16.64
N ALA A 231 -4.31 -4.91 16.01
CA ALA A 231 -3.30 -3.97 16.47
C ALA A 231 -3.78 -2.53 16.36
N ILE A 232 -4.20 -2.16 15.16
CA ILE A 232 -4.70 -0.81 14.88
C ILE A 232 -5.75 -0.40 15.89
N LEU A 233 -6.71 -1.30 16.10
CA LEU A 233 -7.77 -1.10 17.08
C LEU A 233 -7.21 -0.80 18.48
N GLY B 2 32.64 -15.12 -7.06
CA GLY B 2 32.57 -13.71 -6.73
C GLY B 2 32.12 -13.53 -5.29
N MET B 3 32.21 -12.31 -4.78
CA MET B 3 31.82 -11.99 -3.41
C MET B 3 30.35 -11.58 -3.37
N ILE B 4 29.75 -11.71 -2.19
CA ILE B 4 28.34 -11.36 -1.99
C ILE B 4 28.27 -10.39 -0.81
N TYR B 5 27.86 -9.15 -1.04
CA TYR B 5 27.78 -8.21 0.06
C TYR B 5 26.34 -7.80 0.35
N ALA B 6 26.09 -7.46 1.61
CA ALA B 6 24.81 -6.83 1.99
C ALA B 6 25.10 -5.35 2.28
N GLU B 7 24.13 -4.51 1.98
CA GLU B 7 24.27 -3.08 2.25
C GLU B 7 22.95 -2.58 2.84
N ILE B 8 22.94 -2.35 4.13
CA ILE B 8 21.71 -1.97 4.82
C ILE B 8 21.74 -0.45 4.96
N LEU B 9 20.80 0.19 4.28
CA LEU B 9 20.80 1.64 4.13
C LEU B 9 20.02 2.25 5.30
N ALA B 10 20.65 3.18 6.01
CA ALA B 10 20.03 3.70 7.21
C ALA B 10 20.17 5.21 7.28
N PRO B 23 16.06 9.38 14.32
CA PRO B 23 16.25 8.53 13.14
C PRO B 23 15.53 7.21 13.33
N LYS B 24 14.65 6.88 12.38
CA LYS B 24 13.68 5.82 12.53
C LYS B 24 14.24 4.42 12.78
N GLN B 25 15.41 4.13 12.23
CA GLN B 25 16.06 2.82 12.43
C GLN B 25 16.26 2.51 13.90
N PHE B 26 16.43 3.55 14.70
CA PHE B 26 16.85 3.35 16.09
C PHE B 26 15.69 3.13 17.04
N LEU B 27 14.48 3.40 16.56
CA LEU B 27 13.29 3.24 17.38
C LEU B 27 13.07 1.79 17.78
N PRO B 28 12.56 1.59 19.00
CA PRO B 28 12.43 0.27 19.62
C PRO B 28 11.31 -0.57 19.02
N LEU B 29 11.64 -1.78 18.60
CA LEU B 29 10.65 -2.77 18.18
C LEU B 29 10.78 -3.95 19.12
N ASN B 30 9.77 -4.15 19.95
CA ASN B 30 9.84 -5.15 21.02
C ASN B 30 11.12 -5.00 21.86
N LYS B 31 11.44 -3.75 22.20
CA LYS B 31 12.58 -3.37 23.05
C LYS B 31 13.98 -3.48 22.43
N ARG B 32 14.05 -3.70 21.11
CA ARG B 32 15.32 -3.67 20.37
C ARG B 32 15.14 -2.75 19.19
N PRO B 33 16.17 -1.94 18.92
CA PRO B 33 16.07 -1.01 17.79
C PRO B 33 15.73 -1.76 16.50
N ILE B 34 14.90 -1.15 15.67
CA ILE B 34 14.50 -1.78 14.42
C ILE B 34 15.71 -2.27 13.63
N ILE B 35 16.77 -1.47 13.57
CA ILE B 35 17.97 -1.84 12.79
C ILE B 35 18.56 -3.18 13.25
N ILE B 36 18.48 -3.48 14.53
CA ILE B 36 18.96 -4.78 15.02
C ILE B 36 18.16 -5.94 14.44
N HIS B 37 16.83 -5.78 14.37
CA HIS B 37 16.01 -6.82 13.76
C HIS B 37 16.43 -7.05 12.30
N THR B 38 16.68 -5.96 11.59
CA THR B 38 16.99 -6.07 10.17
C THR B 38 18.37 -6.70 9.98
N VAL B 39 19.35 -6.22 10.73
CA VAL B 39 20.70 -6.76 10.64
C VAL B 39 20.72 -8.25 10.97
N GLU B 40 19.94 -8.67 11.95
CA GLU B 40 19.93 -10.10 12.31
C GLU B 40 19.48 -11.03 11.18
N LYS B 41 18.55 -10.56 10.35
CA LYS B 41 18.09 -11.36 9.22
C LYS B 41 19.26 -11.63 8.26
N PHE B 42 20.17 -10.67 8.13
CA PHE B 42 21.29 -10.85 7.23
C PHE B 42 22.38 -11.68 7.86
N LEU B 43 22.60 -11.52 9.17
CA LEU B 43 23.63 -12.31 9.85
C LEU B 43 23.28 -13.80 9.82
N LEU B 44 21.99 -14.10 9.73
CA LEU B 44 21.54 -15.48 9.71
C LEU B 44 21.87 -16.16 8.39
N ASN B 45 22.15 -15.37 7.36
CA ASN B 45 22.49 -15.95 6.06
C ASN B 45 23.99 -16.03 5.91
N ASP B 46 24.53 -17.25 5.84
CA ASP B 46 25.99 -17.44 5.80
C ASP B 46 26.64 -17.03 4.48
N ARG B 47 25.84 -16.64 3.49
CA ARG B 47 26.40 -16.36 2.18
C ARG B 47 27.06 -14.99 2.06
N PHE B 48 26.79 -14.10 3.00
CA PHE B 48 27.38 -12.76 2.91
C PHE B 48 28.80 -12.71 3.41
N ASP B 49 29.66 -12.20 2.54
CA ASP B 49 31.06 -12.03 2.89
C ASP B 49 31.30 -10.85 3.80
N LYS B 50 30.52 -9.79 3.61
CA LYS B 50 30.54 -8.63 4.48
C LYS B 50 29.14 -8.06 4.52
N ILE B 51 28.72 -7.55 5.68
CA ILE B 51 27.43 -6.88 5.83
C ILE B 51 27.68 -5.42 6.26
N LEU B 52 27.42 -4.48 5.35
CA LEU B 52 27.65 -3.05 5.59
C LEU B 52 26.38 -2.38 6.11
N ILE B 53 26.54 -1.51 7.12
CA ILE B 53 25.47 -0.64 7.58
C ILE B 53 25.91 0.75 7.19
N VAL B 54 25.13 1.41 6.32
CA VAL B 54 25.55 2.69 5.75
C VAL B 54 24.81 3.81 6.48
N SER B 55 25.56 4.66 7.16
CA SER B 55 24.94 5.64 8.06
C SER B 55 25.49 7.03 7.86
N PRO B 56 24.67 8.05 8.15
CA PRO B 56 25.16 9.44 8.14
C PRO B 56 26.26 9.59 9.17
N LYS B 57 27.24 10.46 8.91
CA LYS B 57 28.38 10.64 9.81
C LYS B 57 27.94 10.89 11.25
N GLU B 58 26.86 11.64 11.44
CA GLU B 58 26.40 12.01 12.78
C GLU B 58 25.99 10.80 13.62
N TRP B 59 25.67 9.69 12.95
CA TRP B 59 25.05 8.57 13.65
C TRP B 59 25.88 7.29 13.59
N ILE B 60 27.07 7.38 13.02
CA ILE B 60 27.98 6.25 12.95
C ILE B 60 28.31 5.71 14.34
N ASN B 61 28.70 6.59 15.26
CA ASN B 61 28.98 6.16 16.64
C ASN B 61 27.77 5.53 17.33
N HIS B 62 26.60 6.13 17.19
CA HIS B 62 25.42 5.56 17.82
C HIS B 62 25.16 4.17 17.24
N THR B 63 25.33 4.04 15.93
CA THR B 63 25.09 2.76 15.26
C THR B 63 26.06 1.68 15.76
N LYS B 64 27.34 2.02 15.82
CA LYS B 64 28.32 1.04 16.30
C LYS B 64 27.99 0.59 17.73
N ASP B 65 27.59 1.54 18.56
CA ASP B 65 27.23 1.23 19.94
C ASP B 65 26.03 0.28 20.03
N ILE B 66 25.00 0.54 19.22
CA ILE B 66 23.83 -0.31 19.19
C ILE B 66 24.21 -1.70 18.72
N LEU B 67 25.08 -1.78 17.71
CA LEU B 67 25.49 -3.08 17.19
C LEU B 67 26.30 -3.83 18.24
N LYS B 68 27.21 -3.11 18.89
CA LYS B 68 28.06 -3.72 19.89
C LYS B 68 27.22 -4.29 21.02
N LYS B 69 26.20 -3.54 21.44
CA LYS B 69 25.34 -3.96 22.54
C LYS B 69 24.46 -5.17 22.23
N PHE B 70 23.81 -5.18 21.06
CA PHE B 70 22.85 -6.22 20.77
C PHE B 70 23.46 -7.39 20.00
N ILE B 71 24.42 -7.12 19.13
CA ILE B 71 25.02 -8.19 18.33
C ILE B 71 26.37 -8.61 18.89
N GLY B 72 27.15 -7.63 19.34
CA GLY B 72 28.49 -7.90 19.83
C GLY B 72 29.46 -7.88 18.67
N GLN B 73 30.59 -8.55 18.84
CA GLN B 73 31.62 -8.63 17.81
C GLN B 73 31.19 -9.56 16.69
N ASP B 74 31.28 -9.07 15.45
CA ASP B 74 31.13 -9.94 14.29
C ASP B 74 31.97 -9.36 13.17
N ASP B 75 32.95 -10.14 12.70
CA ASP B 75 33.87 -9.72 11.64
C ASP B 75 33.16 -9.32 10.36
N ARG B 76 31.94 -9.80 10.17
CA ARG B 76 31.24 -9.52 8.91
C ARG B 76 30.58 -8.14 8.91
N LEU B 77 30.32 -7.60 10.10
CA LEU B 77 29.62 -6.31 10.24
C LEU B 77 30.55 -5.12 10.17
N VAL B 78 30.21 -4.14 9.35
CA VAL B 78 30.96 -2.88 9.34
C VAL B 78 30.03 -1.69 9.09
N VAL B 79 30.24 -0.60 9.85
CA VAL B 79 29.48 0.63 9.68
C VAL B 79 30.27 1.60 8.80
N VAL B 80 29.61 2.16 7.79
CA VAL B 80 30.27 2.95 6.76
C VAL B 80 29.55 4.27 6.62
N GLU B 81 30.29 5.33 6.38
CA GLU B 81 29.66 6.64 6.22
C GLU B 81 28.90 6.71 4.91
N GLY B 82 27.65 7.18 4.98
CA GLY B 82 26.80 7.29 3.82
C GLY B 82 27.09 8.53 3.01
N GLY B 83 26.16 8.88 2.14
CA GLY B 83 26.38 10.00 1.26
C GLY B 83 25.22 10.98 1.30
N SER B 84 25.22 11.90 0.33
CA SER B 84 24.20 12.94 0.19
C SER B 84 22.77 12.41 0.29
N ASP B 85 22.41 11.59 -0.69
CA ASP B 85 21.11 10.94 -0.73
C ASP B 85 21.33 9.45 -0.69
N ARG B 86 20.25 8.70 -0.91
CA ARG B 86 20.29 7.26 -0.79
C ARG B 86 21.08 6.53 -1.88
N ASN B 87 20.92 6.95 -3.13
CA ASN B 87 21.74 6.36 -4.19
C ASN B 87 23.21 6.67 -3.98
N GLU B 88 23.52 7.88 -3.55
CA GLU B 88 24.89 8.17 -3.16
C GLU B 88 25.32 7.33 -1.95
N SER B 89 24.37 6.98 -1.08
CA SER B 89 24.72 6.14 0.07
C SER B 89 25.04 4.73 -0.40
N ILE B 90 24.30 4.26 -1.41
CA ILE B 90 24.62 2.98 -2.03
C ILE B 90 26.02 3.06 -2.61
N MET B 91 26.29 4.12 -3.37
CA MET B 91 27.63 4.28 -3.93
C MET B 91 28.73 4.40 -2.89
N SER B 92 28.44 5.03 -1.74
CA SER B 92 29.42 5.20 -0.68
C SER B 92 29.84 3.85 -0.10
N GLY B 93 28.87 2.97 0.07
CA GLY B 93 29.14 1.62 0.52
C GLY B 93 29.97 0.88 -0.51
N ILE B 94 29.68 1.12 -1.79
CA ILE B 94 30.46 0.47 -2.85
C ILE B 94 31.89 0.97 -2.80
N ARG B 95 32.08 2.28 -2.59
CA ARG B 95 33.43 2.82 -2.53
C ARG B 95 34.23 2.25 -1.35
N TYR B 96 33.54 1.94 -0.25
CA TYR B 96 34.20 1.29 0.88
C TYR B 96 34.67 -0.10 0.45
N ILE B 97 33.80 -0.84 -0.22
CA ILE B 97 34.16 -2.18 -0.68
C ILE B 97 35.36 -2.05 -1.62
N GLU B 98 35.31 -1.04 -2.49
CA GLU B 98 36.38 -0.83 -3.48
C GLU B 98 37.75 -0.65 -2.81
N LYS B 99 37.78 0.12 -1.72
CA LYS B 99 39.02 0.42 -1.03
C LYS B 99 39.49 -0.75 -0.17
N GLU B 100 38.55 -1.36 0.55
CA GLU B 100 38.93 -2.38 1.53
C GLU B 100 39.23 -3.72 0.92
N PHE B 101 38.46 -4.09 -0.10
CA PHE B 101 38.49 -5.45 -0.63
C PHE B 101 38.86 -5.54 -2.09
N GLY B 102 38.68 -4.44 -2.82
CA GLY B 102 38.78 -4.48 -4.27
C GLY B 102 37.45 -4.98 -4.81
N ILE B 103 37.17 -4.73 -6.09
CA ILE B 103 35.92 -5.21 -6.71
C ILE B 103 36.23 -6.06 -7.94
N GLN B 104 35.65 -7.26 -7.99
CA GLN B 104 35.72 -8.11 -9.18
C GLN B 104 34.38 -8.02 -9.89
N ASP B 105 34.34 -8.28 -11.19
CA ASP B 105 33.13 -8.00 -11.97
C ASP B 105 31.92 -8.85 -11.56
N ASN B 106 32.16 -9.99 -10.92
CA ASN B 106 31.06 -10.84 -10.49
C ASN B 106 30.51 -10.54 -9.11
N ASP B 107 31.15 -9.62 -8.40
CA ASP B 107 30.72 -9.31 -7.03
C ASP B 107 29.32 -8.70 -7.09
N VAL B 108 28.48 -9.04 -6.12
CA VAL B 108 27.12 -8.51 -6.08
C VAL B 108 26.84 -7.86 -4.73
N ILE B 109 25.85 -6.98 -4.70
CA ILE B 109 25.51 -6.27 -3.48
C ILE B 109 23.99 -6.32 -3.33
N ILE B 110 23.56 -6.70 -2.14
CA ILE B 110 22.12 -6.83 -1.85
C ILE B 110 21.79 -5.64 -0.96
N THR B 111 21.12 -4.62 -1.52
CA THR B 111 20.85 -3.36 -0.79
C THR B 111 19.46 -3.42 -0.16
N HIS B 112 19.30 -2.86 1.03
CA HIS B 112 18.05 -3.03 1.76
C HIS B 112 17.83 -1.94 2.79
N ASP B 113 16.58 -1.50 2.93
CA ASP B 113 16.22 -0.47 3.89
C ASP B 113 16.40 -0.98 5.33
N SER B 114 17.05 -0.19 6.18
CA SER B 114 17.21 -0.59 7.59
C SER B 114 15.88 -0.64 8.29
N VAL B 115 14.93 0.14 7.81
CA VAL B 115 13.61 0.17 8.42
C VAL B 115 12.64 -0.90 7.90
N ARG B 116 13.17 -1.91 7.21
CA ARG B 116 12.37 -3.05 6.75
C ARG B 116 12.83 -4.35 7.41
N PRO B 117 12.41 -4.58 8.66
CA PRO B 117 12.95 -5.69 9.44
C PRO B 117 12.28 -7.02 9.15
N PHE B 118 11.19 -6.98 8.40
CA PHE B 118 10.39 -8.18 8.23
C PHE B 118 10.69 -8.96 6.95
N LEU B 119 11.72 -8.58 6.19
CA LEU B 119 12.10 -9.44 5.05
C LEU B 119 12.44 -10.84 5.56
N THR B 120 12.33 -11.82 4.68
CA THR B 120 12.43 -13.22 5.08
C THR B 120 13.67 -13.86 4.47
N HIS B 121 14.04 -15.03 4.98
CA HIS B 121 15.06 -15.87 4.38
C HIS B 121 14.85 -16.06 2.86
N ARG B 122 13.61 -16.36 2.46
CA ARG B 122 13.31 -16.56 1.04
C ARG B 122 13.63 -15.31 0.26
N ILE B 123 13.18 -14.17 0.77
CA ILE B 123 13.41 -12.92 0.05
C ILE B 123 14.91 -12.69 -0.14
N ILE B 124 15.70 -12.91 0.90
CA ILE B 124 17.13 -12.70 0.78
C ILE B 124 17.79 -13.68 -0.17
N ASP B 125 17.47 -14.94 0.00
CA ASP B 125 18.10 -15.95 -0.80
C ASP B 125 17.71 -15.88 -2.28
N GLU B 126 16.45 -15.55 -2.55
CA GLU B 126 16.03 -15.39 -3.94
C GLU B 126 16.65 -14.16 -4.57
N ASN B 127 16.85 -13.11 -3.77
CA ASN B 127 17.59 -11.95 -4.25
C ASN B 127 19.00 -12.29 -4.66
N ILE B 128 19.69 -13.05 -3.83
CA ILE B 128 21.08 -13.39 -4.17
C ILE B 128 21.12 -14.24 -5.42
N ASP B 129 20.26 -15.25 -5.49
CA ASP B 129 20.28 -16.16 -6.64
C ASP B 129 19.91 -15.42 -7.93
N ALA B 130 18.96 -14.51 -7.82
CA ALA B 130 18.55 -13.71 -8.98
C ALA B 130 19.66 -12.75 -9.45
N VAL B 131 20.37 -12.13 -8.52
CA VAL B 131 21.39 -11.18 -8.94
C VAL B 131 22.60 -11.89 -9.55
N LEU B 132 22.90 -13.10 -9.05
CA LEU B 132 23.99 -13.88 -9.62
C LEU B 132 23.72 -14.19 -11.10
N GLN B 133 22.45 -14.40 -11.42
CA GLN B 133 22.09 -14.75 -12.79
C GLN B 133 21.85 -13.52 -13.67
N TYR B 134 21.14 -12.54 -13.13
CA TYR B 134 20.62 -11.44 -13.97
C TYR B 134 21.31 -10.09 -13.79
N GLY B 135 21.97 -9.88 -12.66
CA GLY B 135 22.71 -8.64 -12.46
C GLY B 135 21.95 -7.50 -11.82
N ALA B 136 20.63 -7.60 -11.80
CA ALA B 136 19.80 -6.55 -11.23
C ALA B 136 18.46 -7.15 -10.83
N VAL B 137 18.00 -6.78 -9.64
CA VAL B 137 16.84 -7.42 -9.01
C VAL B 137 16.03 -6.42 -8.19
N ASP B 138 14.70 -6.52 -8.30
CA ASP B 138 13.81 -5.70 -7.50
C ASP B 138 12.87 -6.62 -6.72
N THR B 139 12.61 -6.27 -5.47
CA THR B 139 11.69 -7.03 -4.64
C THR B 139 10.36 -6.30 -4.66
N VAL B 140 9.32 -6.97 -5.15
CA VAL B 140 8.02 -6.32 -5.35
C VAL B 140 6.83 -7.18 -4.93
N ILE B 141 5.69 -6.54 -4.68
CA ILE B 141 4.45 -7.27 -4.51
C ILE B 141 3.38 -6.76 -5.46
N SER B 142 2.38 -7.60 -5.71
CA SER B 142 1.28 -7.18 -6.59
C SER B 142 0.56 -5.96 -6.03
N ALA B 143 0.25 -5.00 -6.89
CA ALA B 143 -0.56 -3.86 -6.49
C ALA B 143 -2.01 -4.30 -6.26
N ILE B 144 -2.40 -4.31 -4.99
CA ILE B 144 -3.74 -4.70 -4.58
C ILE B 144 -4.73 -3.53 -4.67
N ASP B 145 -4.40 -2.43 -4.02
CA ASP B 145 -5.25 -1.26 -4.00
C ASP B 145 -5.33 -0.63 -5.37
N THR B 146 -6.49 -0.06 -5.67
CA THR B 146 -6.67 0.73 -6.88
C THR B 146 -5.65 1.86 -6.87
N ILE B 147 -4.99 2.06 -8.00
CA ILE B 147 -3.98 3.10 -8.10
C ILE B 147 -4.60 4.26 -8.87
N ILE B 148 -4.47 5.47 -8.33
CA ILE B 148 -5.08 6.66 -8.91
C ILE B 148 -4.02 7.73 -9.11
N ALA B 149 -4.10 8.44 -10.24
CA ALA B 149 -3.24 9.58 -10.50
C ALA B 149 -4.08 10.86 -10.40
N SER B 150 -3.43 11.97 -10.08
CA SER B 150 -4.07 13.29 -10.05
C SER B 150 -3.05 14.39 -10.32
N GLU B 151 -3.27 15.21 -11.33
CA GLU B 151 -2.32 16.28 -11.63
C GLU B 151 -2.38 17.40 -10.61
N ASP B 152 -3.57 17.70 -10.12
CA ASP B 152 -3.75 18.88 -9.27
C ASP B 152 -3.88 18.53 -7.79
N GLN B 153 -3.78 17.24 -7.46
CA GLN B 153 -3.94 16.76 -6.09
C GLN B 153 -5.32 17.11 -5.53
N GLU B 154 -6.26 17.35 -6.43
CA GLU B 154 -7.60 17.76 -6.03
C GLU B 154 -8.67 16.85 -6.63
N PHE B 155 -8.51 16.53 -7.92
CA PHE B 155 -9.46 15.67 -8.63
C PHE B 155 -8.73 14.53 -9.30
N ILE B 156 -9.45 13.43 -9.55
CA ILE B 156 -8.89 12.29 -10.28
C ILE B 156 -8.53 12.70 -11.70
N SER B 157 -7.32 12.35 -12.14
CA SER B 157 -6.89 12.58 -13.52
C SER B 157 -7.11 11.33 -14.34
N ASP B 158 -6.83 10.18 -13.72
CA ASP B 158 -6.83 8.90 -14.40
C ASP B 158 -6.81 7.75 -13.39
N ILE B 159 -7.53 6.66 -13.70
CA ILE B 159 -7.46 5.43 -12.91
C ILE B 159 -6.99 4.27 -13.80
N PRO B 160 -5.67 4.05 -13.86
CA PRO B 160 -5.08 3.04 -14.74
C PRO B 160 -5.49 1.62 -14.37
N VAL B 161 -5.59 0.74 -15.36
CA VAL B 161 -5.81 -0.68 -15.11
C VAL B 161 -4.62 -1.24 -14.33
N ARG B 162 -4.88 -2.12 -13.37
CA ARG B 162 -3.80 -2.70 -12.58
C ARG B 162 -3.69 -4.22 -12.66
N ASP B 163 -3.90 -4.74 -13.87
CA ASP B 163 -3.14 -5.90 -14.30
C ASP B 163 -1.75 -5.29 -14.34
N ASN B 164 -0.72 -6.07 -14.00
CA ASN B 164 0.67 -5.68 -14.29
C ASN B 164 1.33 -4.59 -13.43
N MET B 165 0.66 -4.10 -12.40
CA MET B 165 1.34 -3.12 -11.54
C MET B 165 1.79 -3.69 -10.21
N TYR B 166 2.93 -3.22 -9.73
CA TYR B 166 3.51 -3.75 -8.51
C TYR B 166 4.04 -2.64 -7.62
N GLN B 167 3.98 -2.86 -6.29
CA GLN B 167 4.58 -1.95 -5.33
C GLN B 167 6.01 -2.41 -5.07
N GLY B 168 6.95 -1.47 -5.18
CA GLY B 168 8.36 -1.76 -4.99
C GLY B 168 8.69 -1.84 -3.52
N GLN B 169 9.49 -2.84 -3.15
CA GLN B 169 10.03 -2.90 -1.81
C GLN B 169 11.53 -2.98 -1.97
N THR B 170 12.12 -3.65 -0.99
CA THR B 170 13.54 -3.77 -0.94
C THR B 170 13.71 -5.15 -0.25
N PRO B 171 14.79 -5.90 -0.53
CA PRO B 171 16.04 -5.60 -1.21
C PRO B 171 15.94 -5.24 -2.68
N GLN B 172 16.99 -4.59 -3.15
CA GLN B 172 17.24 -4.42 -4.56
C GLN B 172 18.69 -4.81 -4.67
N SER B 173 18.99 -5.74 -5.58
CA SER B 173 20.34 -6.29 -5.65
C SER B 173 20.97 -6.10 -7.02
N PHE B 174 22.29 -5.91 -7.03
CA PHE B 174 23.01 -5.56 -8.26
C PHE B 174 24.40 -6.16 -8.33
N ARG B 175 24.86 -6.47 -9.53
CA ARG B 175 26.29 -6.67 -9.75
C ARG B 175 26.95 -5.31 -9.59
N ILE B 176 27.95 -5.24 -8.72
CA ILE B 176 28.52 -3.95 -8.32
C ILE B 176 29.12 -3.16 -9.47
N SER B 177 30.02 -3.78 -10.23
CA SER B 177 30.75 -3.03 -11.25
C SER B 177 29.78 -2.48 -12.31
N LYS B 178 28.75 -3.25 -12.63
CA LYS B 178 27.78 -2.80 -13.62
C LYS B 178 26.93 -1.64 -13.11
N LEU B 179 26.50 -1.72 -11.85
CA LEU B 179 25.75 -0.61 -11.27
C LEU B 179 26.56 0.69 -11.30
N VAL B 180 27.85 0.59 -10.98
CA VAL B 180 28.69 1.78 -10.94
C VAL B 180 28.78 2.38 -12.33
N GLU B 181 28.97 1.52 -13.31
CA GLU B 181 29.12 1.93 -14.69
C GLU B 181 27.85 2.60 -15.20
N LEU B 182 26.70 1.99 -14.88
CA LEU B 182 25.40 2.51 -15.29
C LEU B 182 25.03 3.79 -14.55
N TYR B 183 25.43 3.89 -13.28
CA TYR B 183 25.11 5.08 -12.50
C TYR B 183 25.79 6.30 -13.09
N ASN B 184 27.04 6.12 -13.53
CA ASN B 184 27.82 7.23 -14.06
C ASN B 184 27.55 7.57 -15.53
N LYS B 185 26.69 6.79 -16.17
CA LYS B 185 26.18 7.14 -17.50
C LYS B 185 25.00 8.12 -17.36
N LEU B 186 24.47 8.24 -16.15
CA LEU B 186 23.31 9.09 -15.91
C LEU B 186 23.66 10.58 -16.01
N SER B 187 22.69 11.39 -16.41
CA SER B 187 22.86 12.85 -16.42
C SER B 187 22.64 13.39 -15.02
N ASP B 188 23.18 14.58 -14.75
CA ASP B 188 22.95 15.27 -13.48
C ASP B 188 21.46 15.39 -13.24
N GLU B 189 20.75 15.76 -14.29
CA GLU B 189 19.30 15.88 -14.29
C GLU B 189 18.63 14.58 -13.83
N GLN B 190 19.00 13.46 -14.43
CA GLN B 190 18.42 12.18 -14.06
C GLN B 190 18.74 11.86 -12.61
N LYS B 191 20.01 12.01 -12.24
CA LYS B 191 20.44 11.72 -10.87
C LYS B 191 19.66 12.52 -9.84
N ALA B 192 19.34 13.77 -10.18
CA ALA B 192 18.64 14.66 -9.26
C ALA B 192 17.31 14.12 -8.73
N VAL B 193 16.49 13.53 -9.59
CA VAL B 193 15.15 13.09 -9.19
C VAL B 193 15.04 11.58 -9.01
N LEU B 194 16.03 10.85 -9.53
CA LEU B 194 16.07 9.40 -9.44
C LEU B 194 16.05 8.97 -7.97
N THR B 195 15.04 8.19 -7.58
CA THR B 195 14.96 7.67 -6.22
C THR B 195 15.03 6.15 -6.17
N ASP B 196 14.76 5.51 -7.32
CA ASP B 196 14.69 4.04 -7.36
C ASP B 196 15.96 3.46 -8.00
N ALA B 197 16.78 2.79 -7.19
CA ALA B 197 18.07 2.29 -7.69
C ALA B 197 17.91 1.38 -8.88
N CYS B 198 16.81 0.62 -8.93
CA CYS B 198 16.59 -0.28 -10.05
C CYS B 198 16.41 0.49 -11.36
N LYS B 199 16.00 1.76 -11.27
CA LYS B 199 15.87 2.60 -12.47
C LYS B 199 17.19 2.91 -13.16
N ILE B 200 18.28 2.90 -12.40
CA ILE B 200 19.62 3.04 -12.96
C ILE B 200 19.80 1.98 -14.04
N CYS B 201 19.33 0.78 -13.74
CA CYS B 201 19.41 -0.31 -14.70
C CYS B 201 18.31 -0.23 -15.75
N SER B 202 17.08 0.01 -15.30
CA SER B 202 15.93 0.19 -16.19
C SER B 202 16.20 1.17 -17.32
N LEU B 203 16.72 2.34 -16.97
CA LEU B 203 16.97 3.40 -17.95
C LEU B 203 18.06 3.06 -18.97
N ALA B 204 18.94 2.11 -18.65
CA ALA B 204 19.99 1.73 -19.57
C ALA B 204 19.57 0.51 -20.38
N GLY B 205 18.29 0.15 -20.28
CA GLY B 205 17.79 -0.97 -21.05
C GLY B 205 18.28 -2.33 -20.56
N GLU B 206 18.75 -2.40 -19.32
CA GLU B 206 19.15 -3.67 -18.71
C GLU B 206 17.93 -4.30 -18.05
N LYS B 207 17.86 -5.62 -18.05
CA LYS B 207 16.71 -6.28 -17.48
C LYS B 207 16.84 -6.22 -15.97
N VAL B 208 15.71 -6.06 -15.28
CA VAL B 208 15.71 -6.14 -13.82
C VAL B 208 14.77 -7.27 -13.42
N LYS B 209 15.33 -8.33 -12.86
CA LYS B 209 14.54 -9.49 -12.46
C LYS B 209 13.67 -9.20 -11.24
N LEU B 210 12.45 -9.72 -11.24
CA LEU B 210 11.54 -9.54 -10.10
C LEU B 210 11.64 -10.68 -9.10
N VAL B 211 11.78 -10.33 -7.83
CA VAL B 211 11.62 -11.28 -6.72
C VAL B 211 10.38 -10.90 -5.93
N ARG B 212 9.53 -11.89 -5.63
CA ARG B 212 8.32 -11.59 -4.87
C ARG B 212 8.61 -11.23 -3.41
N GLY B 213 8.10 -10.09 -2.97
CA GLY B 213 8.23 -9.68 -1.57
C GLY B 213 7.13 -10.27 -0.70
N GLU B 214 6.72 -9.54 0.34
CA GLU B 214 5.63 -9.96 1.22
C GLU B 214 4.84 -8.74 1.64
N VAL B 215 3.55 -8.93 1.92
CA VAL B 215 2.72 -7.80 2.33
C VAL B 215 3.24 -7.19 3.61
N PHE B 216 3.81 -8.03 4.48
CA PHE B 216 4.34 -7.55 5.76
C PHE B 216 5.76 -6.94 5.71
N ASN B 217 6.39 -6.95 4.54
CA ASN B 217 7.73 -6.38 4.37
C ASN B 217 7.65 -4.86 4.26
N ILE B 218 7.06 -4.25 5.28
CA ILE B 218 6.80 -2.82 5.28
C ILE B 218 7.98 -2.00 5.77
N LYS B 219 8.00 -0.71 5.42
CA LYS B 219 8.91 0.22 6.08
C LYS B 219 8.29 0.67 7.40
N VAL B 220 9.12 0.86 8.41
CA VAL B 220 8.62 1.38 9.69
C VAL B 220 9.21 2.77 9.92
N THR B 221 8.46 3.80 9.52
CA THR B 221 8.96 5.17 9.45
C THR B 221 8.21 6.15 10.37
N THR B 222 6.91 5.94 10.51
CA THR B 222 6.11 6.87 11.31
C THR B 222 5.84 6.30 12.68
N PRO B 223 5.50 7.18 13.65
CA PRO B 223 5.03 6.71 14.95
C PRO B 223 3.89 5.71 14.81
N TYR B 224 2.99 5.93 13.86
CA TYR B 224 1.91 4.98 13.63
C TYR B 224 2.47 3.63 13.19
N ASP B 225 3.42 3.66 12.25
CA ASP B 225 4.01 2.45 11.67
C ASP B 225 4.54 1.48 12.72
N LEU B 226 5.15 2.03 13.76
CA LEU B 226 5.79 1.21 14.79
C LEU B 226 4.81 0.26 15.48
N LYS B 227 3.51 0.55 15.38
CA LYS B 227 2.51 -0.29 16.01
C LYS B 227 2.03 -1.39 15.08
N VAL B 228 1.96 -1.10 13.78
CA VAL B 228 1.74 -2.14 12.78
C VAL B 228 2.84 -3.18 12.97
N ALA B 229 4.03 -2.69 13.31
CA ALA B 229 5.22 -3.53 13.43
C ALA B 229 5.18 -4.57 14.56
N ASN B 230 4.82 -4.15 15.78
CA ASN B 230 4.71 -5.10 16.89
C ASN B 230 3.68 -6.19 16.62
N ALA B 231 2.60 -5.82 15.93
CA ALA B 231 1.62 -6.77 15.46
C ALA B 231 2.32 -7.86 14.65
N ILE B 232 2.88 -7.45 13.50
CA ILE B 232 3.55 -8.36 12.56
C ILE B 232 4.45 -9.41 13.23
#